data_6VXY
#
_entry.id   6VXY
#
_cell.length_a   46.319
_cell.length_b   64.861
_cell.length_c   70.149
_cell.angle_alpha   90.000
_cell.angle_beta   90.000
_cell.angle_gamma   90.000
#
_symmetry.space_group_name_H-M   'P 21 21 21'
#
loop_
_entity.id
_entity.type
_entity.pdbx_description
1 polymer 'Cationic trypsin'
2 polymer 'SFTI1 inhibitor GLY-ARG-GLY-THR-LYS-SER-ILE-PRO-PRO-ILE-ALA-PHE-PRO-ASP'
3 non-polymer 'CALCIUM ION'
4 non-polymer 1-methyl-1H-1,2,3-triazole
5 water water
#
loop_
_entity_poly.entity_id
_entity_poly.type
_entity_poly.pdbx_seq_one_letter_code
_entity_poly.pdbx_strand_id
1 'polypeptide(L)'
;IVGGYTCGANTVPYQVSLNSGYHFCGGSLINSQWVVSAAHCYKSGIQVRLGEDNINVVEGNEQFISASKSIVHPSYNSNT
LNNDIMLIKLKSAASLNSRVASISLPTSCASAGTQCLISGWGNTKSSGTSYPDVLKCLKAPILSDSSCKSAYPGQITSNM
FCAGYLEGGKDSCQGDSGGPVVCSGKLQGIVSWGSGCAQKNKPGVYTKVCNYVSWIKQTIASN
;
A
2 'polypeptide(L)' GRGTKSIPPIAFPD C
#
loop_
_chem_comp.id
_chem_comp.type
_chem_comp.name
_chem_comp.formula
CA non-polymer 'CALCIUM ION' 'Ca 2'
WMH non-polymer 1-methyl-1H-1,2,3-triazole 'C3 H5 N3'
#
# COMPACT_ATOMS: atom_id res chain seq x y z
N ILE A 1 -2.97 -2.15 9.93
CA ILE A 1 -3.31 -0.81 10.44
C ILE A 1 -3.40 -0.82 11.96
N VAL A 2 -2.61 0.02 12.62
CA VAL A 2 -2.69 0.22 14.07
C VAL A 2 -3.46 1.50 14.35
N GLY A 3 -4.40 1.44 15.31
CA GLY A 3 -5.16 2.61 15.69
C GLY A 3 -6.19 3.06 14.67
N GLY A 4 -6.61 2.18 13.80
CA GLY A 4 -7.60 2.48 12.79
C GLY A 4 -8.98 1.99 13.16
N TYR A 5 -9.85 1.94 12.16
CA TYR A 5 -11.26 1.59 12.35
C TYR A 5 -11.67 0.62 11.26
N THR A 6 -12.69 -0.19 11.54
CA THR A 6 -13.25 -1.04 10.51
C THR A 6 -13.86 -0.19 9.40
N CYS A 7 -13.39 -0.41 8.17
CA CYS A 7 -13.83 0.41 7.05
C CYS A 7 -15.30 0.24 6.76
N GLY A 8 -15.78 -1.00 6.79
CA GLY A 8 -17.09 -1.34 6.30
C GLY A 8 -16.91 -2.11 5.00
N ALA A 9 -17.75 -3.12 4.79
CA ALA A 9 -17.57 -4.00 3.65
C ALA A 9 -17.59 -3.25 2.33
N ASN A 10 -16.53 -3.43 1.56
CA ASN A 10 -16.43 -2.97 0.18
C ASN A 10 -16.54 -1.46 0.08
N THR A 11 -16.31 -0.75 1.18
CA THR A 11 -16.27 0.70 1.17
C THR A 11 -14.98 1.24 0.56
N VAL A 12 -13.97 0.40 0.35
CA VAL A 12 -12.71 0.79 -0.28
C VAL A 12 -12.56 -0.10 -1.50
N PRO A 13 -13.34 0.13 -2.57
CA PRO A 13 -13.49 -0.91 -3.61
C PRO A 13 -12.27 -1.10 -4.48
N TYR A 14 -11.29 -0.23 -4.39
CA TYR A 14 -10.03 -0.40 -5.11
C TYR A 14 -9.01 -1.16 -4.30
N GLN A 15 -9.26 -1.43 -3.04
CA GLN A 15 -8.30 -2.17 -2.22
C GLN A 15 -8.29 -3.62 -2.65
N VAL A 16 -7.10 -4.15 -2.87
CA VAL A 16 -6.94 -5.58 -3.15
C VAL A 16 -6.03 -6.24 -2.13
N SER A 17 -6.16 -7.56 -2.04
CA SER A 17 -5.28 -8.39 -1.22
C SER A 17 -4.45 -9.23 -2.16
N LEU A 18 -3.16 -9.34 -1.87
CA LEU A 18 -2.26 -10.24 -2.59
C LEU A 18 -2.07 -11.49 -1.76
N ASN A 19 -2.30 -12.64 -2.36
CA ASN A 19 -2.41 -13.86 -1.60
C ASN A 19 -1.48 -14.91 -2.17
N SER A 20 -0.77 -15.63 -1.28
CA SER A 20 0.09 -16.72 -1.67
C SER A 20 -0.14 -17.91 -0.73
N GLY A 21 -1.40 -18.24 -0.49
CA GLY A 21 -1.76 -19.19 0.56
C GLY A 21 -1.92 -18.50 1.90
N TYR A 22 -1.73 -17.18 1.91
CA TYR A 22 -2.00 -16.30 3.03
C TYR A 22 -1.93 -14.91 2.44
N HIS A 23 -2.58 -13.98 3.11
CA HIS A 23 -2.45 -12.58 2.72
C HIS A 23 -1.06 -12.08 3.08
N PHE A 24 -0.36 -11.44 2.13
CA PHE A 24 1.01 -11.00 2.42
C PHE A 24 1.26 -9.54 2.10
N CYS A 25 0.42 -8.88 1.29
CA CYS A 25 0.52 -7.46 0.97
C CYS A 25 -0.81 -6.99 0.39
N GLY A 26 -0.97 -5.66 0.34
CA GLY A 26 -2.11 -5.06 -0.34
C GLY A 26 -1.76 -4.59 -1.75
N GLY A 27 -2.74 -3.98 -2.40
CA GLY A 27 -2.54 -3.25 -3.66
C GLY A 27 -3.76 -2.41 -3.97
N SER A 28 -3.68 -1.68 -5.08
CA SER A 28 -4.75 -0.79 -5.52
C SER A 28 -5.08 -1.00 -6.99
N LEU A 29 -6.35 -1.20 -7.29
CA LEU A 29 -6.78 -1.41 -8.67
C LEU A 29 -6.84 -0.07 -9.39
N ILE A 30 -6.14 0.07 -10.51
CA ILE A 30 -6.12 1.33 -11.27
C ILE A 30 -6.78 1.25 -12.65
N ASN A 31 -7.07 0.06 -13.15
CA ASN A 31 -7.98 -0.16 -14.27
C ASN A 31 -8.38 -1.64 -14.18
N SER A 32 -9.21 -2.09 -15.11
CA SER A 32 -9.74 -3.45 -15.00
C SER A 32 -8.65 -4.53 -15.05
N GLN A 33 -7.45 -4.21 -15.50
CA GLN A 33 -6.43 -5.22 -15.68
C GLN A 33 -5.15 -4.99 -14.90
N TRP A 34 -5.05 -3.91 -14.13
CA TRP A 34 -3.80 -3.55 -13.51
C TRP A 34 -3.98 -3.13 -12.06
N VAL A 35 -3.01 -3.52 -11.25
CA VAL A 35 -2.95 -3.17 -9.84
C VAL A 35 -1.58 -2.56 -9.53
N VAL A 36 -1.59 -1.53 -8.67
CA VAL A 36 -0.37 -0.91 -8.14
C VAL A 36 -0.11 -1.53 -6.77
N SER A 37 1.13 -1.96 -6.54
CA SER A 37 1.59 -2.44 -5.23
C SER A 37 3.04 -1.96 -5.02
N ALA A 38 3.69 -2.47 -3.98
CA ALA A 38 5.09 -2.17 -3.69
C ALA A 38 6.00 -3.20 -4.32
N ALA A 39 7.17 -2.76 -4.79
CA ALA A 39 8.12 -3.69 -5.39
C ALA A 39 8.63 -4.72 -4.40
N HIS A 40 8.70 -4.36 -3.11
CA HIS A 40 9.17 -5.33 -2.12
C HIS A 40 8.15 -6.44 -1.87
N CYS A 41 6.94 -6.32 -2.41
CA CYS A 41 5.94 -7.40 -2.39
C CYS A 41 6.07 -8.35 -3.56
N TYR A 42 7.09 -8.20 -4.40
CA TYR A 42 7.20 -9.06 -5.56
C TYR A 42 7.39 -10.51 -5.15
N LYS A 43 6.66 -11.37 -5.84
CA LYS A 43 6.94 -12.78 -5.84
C LYS A 43 6.24 -13.38 -7.05
N SER A 44 6.70 -14.55 -7.47
CA SER A 44 6.00 -15.25 -8.55
C SER A 44 4.68 -15.82 -8.03
N GLY A 45 3.72 -15.95 -8.94
CA GLY A 45 2.50 -16.68 -8.65
C GLY A 45 1.50 -15.96 -7.79
N ILE A 46 1.55 -14.63 -7.75
CA ILE A 46 0.61 -13.88 -6.93
C ILE A 46 -0.82 -14.12 -7.39
N GLN A 47 -1.73 -14.27 -6.43
CA GLN A 47 -3.15 -14.28 -6.71
C GLN A 47 -3.72 -12.98 -6.18
N VAL A 48 -4.47 -12.26 -7.01
CA VAL A 48 -5.07 -10.98 -6.62
C VAL A 48 -6.51 -11.21 -6.20
N ARG A 49 -6.85 -10.78 -4.99
CA ARG A 49 -8.19 -10.90 -4.44
C ARG A 49 -8.85 -9.53 -4.34
N LEU A 50 -9.86 -9.33 -5.18
CA LEU A 50 -10.63 -8.10 -5.29
C LEU A 50 -11.97 -8.30 -4.63
N GLY A 51 -12.60 -7.19 -4.24
CA GLY A 51 -13.90 -7.29 -3.62
C GLY A 51 -13.93 -7.89 -2.24
N GLU A 52 -12.79 -7.92 -1.55
CA GLU A 52 -12.71 -8.58 -0.26
C GLU A 52 -13.14 -7.63 0.84
N ASP A 53 -13.76 -8.21 1.85
CA ASP A 53 -13.84 -7.59 3.17
C ASP A 53 -13.26 -8.54 4.22
N ASN A 54 -13.99 -9.58 4.63
CA ASN A 54 -13.41 -10.62 5.47
C ASN A 54 -12.46 -11.46 4.62
N ILE A 55 -11.14 -11.32 4.82
CA ILE A 55 -10.21 -12.07 3.99
C ILE A 55 -10.18 -13.57 4.31
N ASN A 56 -10.75 -14.00 5.43
CA ASN A 56 -10.68 -15.41 5.83
C ASN A 56 -11.90 -16.22 5.46
N VAL A 57 -12.91 -15.58 4.85
CA VAL A 57 -14.18 -16.23 4.53
C VAL A 57 -14.64 -15.76 3.16
N VAL A 58 -15.10 -16.69 2.32
CA VAL A 58 -15.64 -16.30 1.03
C VAL A 58 -17.09 -15.91 1.23
N GLU A 59 -17.39 -14.63 0.95
CA GLU A 59 -18.68 -14.02 1.23
C GLU A 59 -19.54 -13.83 0.00
N GLY A 60 -18.95 -13.74 -1.20
CA GLY A 60 -19.76 -13.71 -2.40
C GLY A 60 -19.41 -12.67 -3.45
N ASN A 61 -18.78 -11.56 -3.05
CA ASN A 61 -18.45 -10.47 -3.96
C ASN A 61 -17.00 -10.49 -4.41
N GLU A 62 -16.24 -11.52 -4.02
CA GLU A 62 -14.84 -11.56 -4.35
C GLU A 62 -14.67 -11.93 -5.81
N GLN A 63 -13.57 -11.47 -6.37
CA GLN A 63 -13.04 -11.97 -7.63
C GLN A 63 -11.59 -12.32 -7.37
N PHE A 64 -11.25 -13.57 -7.59
CA PHE A 64 -9.88 -14.02 -7.52
C PHE A 64 -9.36 -14.09 -8.95
N ILE A 65 -8.22 -13.45 -9.20
CA ILE A 65 -7.59 -13.47 -10.51
C ILE A 65 -6.09 -13.58 -10.31
N SER A 66 -5.46 -14.50 -11.03
CA SER A 66 -4.02 -14.66 -10.93
C SER A 66 -3.30 -13.51 -11.65
N ALA A 67 -2.15 -13.13 -11.11
CA ALA A 67 -1.28 -12.19 -11.83
C ALA A 67 -0.64 -12.89 -13.02
N SER A 68 -0.71 -12.25 -14.19
CA SER A 68 0.01 -12.75 -15.34
C SER A 68 1.42 -12.19 -15.39
N LYS A 69 1.56 -10.93 -15.00
CA LYS A 69 2.85 -10.24 -14.92
C LYS A 69 2.89 -9.47 -13.62
N SER A 70 4.06 -9.45 -12.97
CA SER A 70 4.27 -8.62 -11.79
C SER A 70 5.59 -7.89 -12.03
N ILE A 71 5.49 -6.58 -12.29
CA ILE A 71 6.55 -5.78 -12.89
C ILE A 71 7.03 -4.78 -11.85
N VAL A 72 8.21 -5.03 -11.27
CA VAL A 72 8.79 -4.08 -10.33
C VAL A 72 9.35 -2.89 -11.12
N HIS A 73 9.50 -1.76 -10.44
CA HIS A 73 10.18 -0.66 -11.09
C HIS A 73 11.58 -1.13 -11.49
N PRO A 74 12.04 -0.79 -12.70
CA PRO A 74 13.35 -1.28 -13.16
C PRO A 74 14.53 -0.69 -12.41
N SER A 75 14.32 0.36 -11.63
CA SER A 75 15.34 0.92 -10.75
C SER A 75 14.97 0.77 -9.28
N TYR A 76 14.12 -0.20 -8.92
CA TYR A 76 13.83 -0.44 -7.50
C TYR A 76 15.11 -0.89 -6.79
N ASN A 77 15.36 -0.32 -5.62
CA ASN A 77 16.58 -0.57 -4.87
C ASN A 77 16.19 -1.26 -3.57
N SER A 78 16.53 -2.54 -3.44
CA SER A 78 16.06 -3.39 -2.36
C SER A 78 16.64 -3.03 -1.01
N ASN A 79 17.67 -2.18 -0.96
CA ASN A 79 18.21 -1.72 0.31
C ASN A 79 17.64 -0.35 0.70
N THR A 80 17.85 0.67 -0.13
CA THR A 80 17.31 1.99 0.17
C THR A 80 15.79 2.05 0.10
N LEU A 81 15.16 1.09 -0.61
CA LEU A 81 13.73 1.05 -0.90
C LEU A 81 13.27 2.17 -1.84
N ASN A 82 14.20 2.85 -2.50
CA ASN A 82 13.82 3.80 -3.53
C ASN A 82 13.10 3.11 -4.67
N ASN A 83 12.11 3.81 -5.25
CA ASN A 83 11.31 3.31 -6.37
C ASN A 83 10.55 2.04 -5.98
N ASP A 84 9.93 2.04 -4.79
CA ASP A 84 9.23 0.87 -4.26
C ASP A 84 7.82 0.83 -4.81
N ILE A 85 7.73 0.45 -6.08
CA ILE A 85 6.47 0.44 -6.82
C ILE A 85 6.50 -0.74 -7.79
N MET A 86 5.37 -1.41 -7.92
CA MET A 86 5.26 -2.59 -8.77
C MET A 86 3.91 -2.52 -9.45
N LEU A 87 3.86 -2.94 -10.71
CA LEU A 87 2.61 -3.09 -11.44
C LEU A 87 2.29 -4.57 -11.65
N ILE A 88 1.06 -4.95 -11.36
CA ILE A 88 0.60 -6.32 -11.53
C ILE A 88 -0.49 -6.30 -12.60
N LYS A 89 -0.25 -6.98 -13.71
CA LYS A 89 -1.30 -7.15 -14.72
C LYS A 89 -2.08 -8.42 -14.41
N LEU A 90 -3.40 -8.35 -14.55
CA LEU A 90 -4.23 -9.52 -14.27
C LEU A 90 -4.40 -10.43 -15.48
N LYS A 91 -4.41 -11.76 -15.22
CA LYS A 91 -4.58 -12.75 -16.29
C LYS A 91 -5.86 -12.51 -17.09
N SER A 92 -6.92 -12.03 -16.43
CA SER A 92 -8.16 -11.65 -17.08
C SER A 92 -8.66 -10.35 -16.44
N ALA A 93 -9.41 -9.57 -17.22
CA ALA A 93 -9.92 -8.31 -16.72
C ALA A 93 -10.93 -8.53 -15.59
N ALA A 94 -10.83 -7.70 -14.56
CA ALA A 94 -11.80 -7.74 -13.48
C ALA A 94 -13.11 -7.15 -13.96
N SER A 95 -14.20 -7.67 -13.40
CA SER A 95 -15.54 -7.15 -13.65
C SER A 95 -15.74 -5.97 -12.71
N LEU A 96 -15.79 -4.78 -13.27
CA LEU A 96 -15.93 -3.59 -12.44
C LEU A 96 -17.40 -3.36 -12.09
N ASN A 97 -17.63 -3.06 -10.82
CA ASN A 97 -18.96 -2.84 -10.26
C ASN A 97 -18.76 -1.95 -9.02
N SER A 98 -19.78 -1.92 -8.16
CA SER A 98 -19.74 -1.01 -7.01
C SER A 98 -18.68 -1.43 -6.00
N ARG A 99 -18.42 -2.74 -5.88
CA ARG A 99 -17.55 -3.28 -4.85
C ARG A 99 -16.15 -3.56 -5.37
N VAL A 100 -15.94 -3.44 -6.67
CA VAL A 100 -14.65 -3.59 -7.32
C VAL A 100 -14.51 -2.43 -8.30
N ALA A 101 -13.67 -1.46 -7.96
CA ALA A 101 -13.61 -0.22 -8.71
C ALA A 101 -12.19 0.31 -8.68
N SER A 102 -11.81 1.00 -9.75
CA SER A 102 -10.47 1.53 -9.87
C SER A 102 -10.38 2.87 -9.16
N ILE A 103 -9.15 3.26 -8.82
CA ILE A 103 -8.87 4.56 -8.20
C ILE A 103 -8.03 5.40 -9.16
N SER A 104 -8.35 6.69 -9.25
CA SER A 104 -7.67 7.57 -10.18
C SER A 104 -6.20 7.78 -9.79
N LEU A 105 -5.34 7.91 -10.80
CA LEU A 105 -3.97 8.32 -10.53
C LEU A 105 -3.94 9.83 -10.36
N PRO A 106 -2.93 10.36 -9.69
CA PRO A 106 -2.90 11.79 -9.42
C PRO A 106 -2.52 12.60 -10.65
N THR A 107 -3.02 13.84 -10.70
CA THR A 107 -2.62 14.81 -11.70
C THR A 107 -1.63 15.82 -11.14
N SER A 108 -1.54 15.91 -9.83
CA SER A 108 -0.49 16.68 -9.17
C SER A 108 -0.10 15.93 -7.90
N CYS A 109 1.09 16.20 -7.40
CA CYS A 109 1.49 15.67 -6.11
C CYS A 109 0.75 16.40 -5.00
N ALA A 110 0.43 15.68 -3.94
CA ALA A 110 -0.29 16.25 -2.81
C ALA A 110 0.67 17.01 -1.89
N SER A 111 0.11 17.93 -1.11
CA SER A 111 0.85 18.82 -0.23
C SER A 111 0.75 18.34 1.21
N ALA A 112 1.74 18.73 2.02
CA ALA A 112 1.72 18.35 3.42
C ALA A 112 0.47 18.90 4.11
N GLY A 113 0.01 18.15 5.10
CA GLY A 113 -1.20 18.45 5.83
C GLY A 113 -2.46 17.92 5.20
N THR A 114 -2.38 17.52 3.92
CA THR A 114 -3.54 16.93 3.26
C THR A 114 -3.90 15.60 3.92
N GLN A 115 -5.20 15.39 4.12
CA GLN A 115 -5.70 14.23 4.81
C GLN A 115 -5.93 13.10 3.81
N CYS A 116 -5.47 11.91 4.15
CA CYS A 116 -5.60 10.76 3.28
C CYS A 116 -6.18 9.56 4.02
N LEU A 117 -6.64 8.58 3.24
CA LEU A 117 -7.15 7.33 3.78
C LEU A 117 -6.18 6.19 3.46
N ILE A 118 -5.71 5.52 4.50
CA ILE A 118 -4.79 4.39 4.38
C ILE A 118 -5.51 3.14 4.87
N SER A 119 -5.40 2.04 4.12
CA SER A 119 -6.21 0.86 4.43
C SER A 119 -5.40 -0.42 4.24
N GLY A 120 -5.83 -1.47 4.94
CA GLY A 120 -5.22 -2.77 4.75
C GLY A 120 -5.65 -3.78 5.80
N TRP A 121 -5.15 -5.00 5.59
CA TRP A 121 -5.40 -6.10 6.52
C TRP A 121 -4.18 -6.44 7.37
N GLY A 122 -3.27 -5.48 7.53
CA GLY A 122 -2.08 -5.70 8.31
C GLY A 122 -2.36 -5.76 9.81
N ASN A 123 -1.29 -6.04 10.53
CA ASN A 123 -1.32 -6.14 11.97
C ASN A 123 -1.95 -4.91 12.59
N THR A 124 -2.72 -5.12 13.64
CA THR A 124 -3.34 -4.02 14.38
C THR A 124 -2.61 -3.70 15.68
N LYS A 125 -1.52 -4.40 15.99
CA LYS A 125 -0.77 -4.19 17.23
C LYS A 125 0.64 -3.73 16.87
N SER A 126 1.13 -2.72 17.59
CA SER A 126 2.43 -2.13 17.31
C SER A 126 3.59 -2.94 17.88
N SER A 127 3.33 -3.77 18.88
CA SER A 127 4.34 -4.64 19.49
C SER A 127 3.64 -5.97 19.80
N GLY A 128 3.70 -6.89 18.84
CA GLY A 128 2.98 -8.13 18.88
C GLY A 128 2.37 -8.39 17.52
N THR A 129 1.41 -9.31 17.48
CA THR A 129 0.75 -9.67 16.23
C THR A 129 -0.72 -9.95 16.49
N SER A 130 -1.58 -9.21 15.80
CA SER A 130 -3.01 -9.51 15.74
C SER A 130 -3.46 -9.10 14.36
N TYR A 131 -3.84 -10.05 13.56
CA TYR A 131 -4.24 -9.81 12.18
C TYR A 131 -5.75 -9.85 12.06
N PRO A 132 -6.36 -8.80 11.51
CA PRO A 132 -7.82 -8.72 11.48
C PRO A 132 -8.41 -9.59 10.39
N ASP A 133 -9.67 -9.98 10.61
CA ASP A 133 -10.44 -10.58 9.54
C ASP A 133 -10.86 -9.54 8.49
N VAL A 134 -11.35 -8.37 8.92
CA VAL A 134 -11.94 -7.41 8.02
C VAL A 134 -11.00 -6.23 7.78
N LEU A 135 -11.32 -5.47 6.73
CA LEU A 135 -10.42 -4.39 6.29
C LEU A 135 -10.44 -3.24 7.27
N LYS A 136 -9.28 -2.67 7.52
CA LYS A 136 -9.14 -1.59 8.47
C LYS A 136 -8.66 -0.36 7.73
N CYS A 137 -9.05 0.80 8.26
CA CYS A 137 -8.82 2.08 7.65
C CYS A 137 -8.22 3.03 8.68
N LEU A 138 -7.47 4.01 8.18
CA LEU A 138 -6.85 5.02 9.00
C LEU A 138 -6.85 6.33 8.22
N LYS A 139 -7.35 7.39 8.83
CA LYS A 139 -7.18 8.74 8.29
C LYS A 139 -5.89 9.34 8.87
N ALA A 140 -5.04 9.89 8.00
CA ALA A 140 -3.74 10.39 8.43
C ALA A 140 -3.30 11.51 7.51
N PRO A 141 -2.58 12.52 8.05
CA PRO A 141 -2.08 13.62 7.21
C PRO A 141 -0.71 13.32 6.63
N ILE A 142 -0.49 13.83 5.42
CA ILE A 142 0.86 13.91 4.86
C ILE A 142 1.70 14.85 5.72
N LEU A 143 2.90 14.39 6.08
CA LEU A 143 3.79 15.26 6.82
C LEU A 143 4.74 15.98 5.89
N SER A 144 5.35 17.04 6.40
CA SER A 144 6.31 17.78 5.61
C SER A 144 7.56 16.92 5.38
N ASP A 145 8.16 17.09 4.22
CA ASP A 145 9.43 16.42 3.96
C ASP A 145 10.46 16.76 5.05
N SER A 146 10.41 17.98 5.56
CA SER A 146 11.29 18.36 6.65
C SER A 146 11.10 17.46 7.87
N SER A 147 9.86 17.22 8.27
CA SER A 147 9.65 16.36 9.42
C SER A 147 10.02 14.93 9.08
N CYS A 148 9.78 14.53 7.83
CA CYS A 148 10.07 13.17 7.41
C CYS A 148 11.56 12.89 7.50
N LYS A 149 12.39 13.83 7.01
CA LYS A 149 13.84 13.65 7.04
C LYS A 149 14.40 13.80 8.45
N SER A 150 13.73 14.57 9.31
CA SER A 150 14.11 14.63 10.72
C SER A 150 13.84 13.31 11.43
N ALA A 151 12.74 12.62 11.09
CA ALA A 151 12.48 11.32 11.69
C ALA A 151 13.42 10.24 11.15
N TYR A 152 13.81 10.33 9.88
CA TYR A 152 14.53 9.26 9.18
C TYR A 152 15.74 9.86 8.49
N PRO A 153 16.76 10.27 9.26
CA PRO A 153 17.88 11.01 8.67
C PRO A 153 18.63 10.14 7.68
N GLY A 154 18.89 10.73 6.50
CA GLY A 154 19.63 10.07 5.44
C GLY A 154 18.88 9.00 4.67
N GLN A 155 17.59 8.80 4.95
CA GLN A 155 16.88 7.64 4.43
C GLN A 155 15.69 7.98 3.53
N ILE A 156 15.33 9.25 3.37
CA ILE A 156 14.15 9.61 2.60
C ILE A 156 14.59 10.18 1.27
N THR A 157 14.13 9.59 0.18
CA THR A 157 14.47 10.05 -1.16
C THR A 157 13.32 10.92 -1.69
N SER A 158 13.52 11.50 -2.87
CA SER A 158 12.50 12.30 -3.52
C SER A 158 11.27 11.49 -3.87
N ASN A 159 11.35 10.17 -3.84
CA ASN A 159 10.23 9.32 -4.21
C ASN A 159 9.50 8.76 -3.00
N MET A 160 9.70 9.35 -1.82
CA MET A 160 9.08 8.91 -0.59
C MET A 160 8.45 10.08 0.15
N PHE A 161 7.37 9.80 0.91
CA PHE A 161 6.82 10.78 1.82
C PHE A 161 6.37 10.07 3.09
N CYS A 162 6.28 10.85 4.15
CA CYS A 162 5.78 10.37 5.42
C CYS A 162 4.33 10.80 5.59
N ALA A 163 3.57 9.94 6.24
CA ALA A 163 2.21 10.28 6.66
C ALA A 163 1.94 9.60 7.98
N GLY A 164 1.13 10.23 8.80
CA GLY A 164 0.79 9.62 10.08
C GLY A 164 0.81 10.61 11.22
N TYR A 165 1.25 10.16 12.40
CA TYR A 165 1.16 10.94 13.62
C TYR A 165 2.45 10.73 14.41
N LEU A 166 3.15 11.83 14.71
CA LEU A 166 4.44 11.73 15.40
C LEU A 166 4.29 11.30 16.87
N GLU A 167 3.08 11.39 17.44
CA GLU A 167 2.89 10.94 18.82
C GLU A 167 2.79 9.42 18.95
N GLY A 168 2.66 8.70 17.83
CA GLY A 168 2.54 7.25 17.85
C GLY A 168 1.10 6.80 17.98
N GLY A 169 0.89 5.49 17.76
CA GLY A 169 -0.40 4.88 18.00
C GLY A 169 -1.26 4.69 16.77
N LYS A 170 -0.86 5.25 15.62
CA LYS A 170 -1.72 5.24 14.43
C LYS A 170 -0.80 5.17 13.22
N ASP A 171 -0.87 4.06 12.49
CA ASP A 171 0.12 3.81 11.46
C ASP A 171 -0.29 2.58 10.67
N SER A 172 0.27 2.46 9.48
CA SER A 172 0.24 1.18 8.77
C SER A 172 1.26 0.22 9.39
N CYS A 173 1.06 -1.09 9.18
CA CYS A 173 1.95 -2.07 9.80
C CYS A 173 2.08 -3.31 8.91
N GLN A 174 2.75 -4.35 9.42
CA GLN A 174 3.08 -5.52 8.61
C GLN A 174 1.81 -6.16 8.05
N GLY A 175 1.78 -6.34 6.74
CA GLY A 175 0.62 -6.83 6.00
C GLY A 175 -0.10 -5.71 5.25
N ASP A 176 0.20 -4.46 5.53
CA ASP A 176 -0.37 -3.33 4.80
C ASP A 176 0.45 -2.92 3.59
N SER A 177 1.69 -3.37 3.48
CA SER A 177 2.56 -2.96 2.39
C SER A 177 1.89 -3.14 1.03
N GLY A 178 2.16 -2.18 0.13
CA GLY A 178 1.61 -2.23 -1.21
C GLY A 178 0.21 -1.64 -1.33
N GLY A 179 -0.48 -1.41 -0.23
CA GLY A 179 -1.81 -0.86 -0.28
C GLY A 179 -1.83 0.66 -0.44
N PRO A 180 -3.04 1.17 -0.51
CA PRO A 180 -3.26 2.56 -0.93
C PRO A 180 -3.15 3.61 0.17
N VAL A 181 -2.70 4.79 -0.26
CA VAL A 181 -2.84 6.06 0.44
C VAL A 181 -3.59 6.95 -0.54
N VAL A 182 -4.86 7.25 -0.25
CA VAL A 182 -5.74 8.00 -1.15
C VAL A 182 -6.06 9.33 -0.51
N CYS A 183 -5.94 10.40 -1.29
CA CYS A 183 -6.13 11.76 -0.80
C CYS A 183 -6.99 12.44 -1.84
N SER A 184 -8.17 12.86 -1.44
CA SER A 184 -9.10 13.57 -2.32
C SER A 184 -9.34 12.75 -3.57
N GLY A 185 -9.58 11.45 -3.37
CA GLY A 185 -9.93 10.53 -4.43
C GLY A 185 -8.83 10.24 -5.42
N LYS A 186 -7.57 10.47 -5.06
CA LYS A 186 -6.44 10.16 -5.93
C LYS A 186 -5.45 9.28 -5.19
N LEU A 187 -4.87 8.33 -5.93
CA LEU A 187 -3.87 7.44 -5.35
C LEU A 187 -2.55 8.16 -5.27
N GLN A 188 -2.21 8.68 -4.08
CA GLN A 188 -0.96 9.41 -3.89
C GLN A 188 0.16 8.55 -3.31
N GLY A 189 -0.12 7.45 -2.66
CA GLY A 189 0.95 6.69 -2.03
C GLY A 189 0.72 5.20 -1.97
N ILE A 190 1.81 4.48 -1.71
CA ILE A 190 1.85 3.03 -1.54
C ILE A 190 2.50 2.76 -0.19
N VAL A 191 1.85 1.96 0.66
CA VAL A 191 2.47 1.56 1.92
C VAL A 191 3.83 0.88 1.62
N SER A 192 4.89 1.38 2.26
CA SER A 192 6.24 0.91 1.99
C SER A 192 6.98 0.46 3.26
N TRP A 193 7.34 1.39 4.15
CA TRP A 193 8.23 0.99 5.26
C TRP A 193 8.14 1.95 6.43
N GLY A 194 8.83 1.60 7.52
CA GLY A 194 8.93 2.46 8.68
C GLY A 194 9.89 1.82 9.65
N SER A 195 10.18 2.57 10.72
CA SER A 195 10.93 1.97 11.83
C SER A 195 9.89 1.37 12.78
N GLY A 196 9.63 0.07 12.64
CA GLY A 196 8.51 -0.47 13.39
C GLY A 196 7.19 0.11 12.92
N CYS A 197 6.20 0.09 13.81
CA CYS A 197 4.90 0.66 13.48
C CYS A 197 4.33 1.44 14.66
N ALA A 198 3.75 2.61 14.37
CA ALA A 198 3.05 3.38 15.37
C ALA A 198 3.93 3.83 16.54
N GLN A 199 5.24 3.86 16.32
CA GLN A 199 6.19 4.29 17.33
C GLN A 199 6.34 5.81 17.30
N LYS A 200 6.62 6.37 18.47
CA LYS A 200 6.80 7.81 18.59
C LYS A 200 7.89 8.28 17.63
N ASN A 201 7.62 9.38 16.92
CA ASN A 201 8.57 10.04 16.03
C ASN A 201 9.05 9.16 14.89
N LYS A 202 8.28 8.12 14.56
CA LYS A 202 8.61 7.19 13.47
C LYS A 202 7.36 6.95 12.63
N PRO A 203 6.97 7.93 11.83
CA PRO A 203 5.75 7.77 11.01
C PRO A 203 6.00 6.83 9.84
N GLY A 204 4.90 6.38 9.25
CA GLY A 204 4.98 5.53 8.07
C GLY A 204 5.61 6.27 6.89
N VAL A 205 6.37 5.50 6.08
CA VAL A 205 6.96 5.99 4.84
C VAL A 205 6.25 5.34 3.66
N TYR A 206 6.00 6.16 2.63
CA TYR A 206 5.12 5.82 1.52
C TYR A 206 5.76 6.21 0.19
N THR A 207 5.55 5.35 -0.83
CA THR A 207 6.06 5.67 -2.17
C THR A 207 5.21 6.78 -2.81
N LYS A 208 5.86 7.80 -3.39
CA LYS A 208 5.21 8.99 -3.95
C LYS A 208 4.71 8.71 -5.36
N VAL A 209 3.43 8.34 -5.45
CA VAL A 209 2.88 7.84 -6.70
C VAL A 209 2.95 8.86 -7.81
N CYS A 210 2.82 10.14 -7.48
CA CYS A 210 2.79 11.15 -8.53
C CYS A 210 4.05 11.15 -9.38
N ASN A 211 5.16 10.60 -8.89
CA ASN A 211 6.40 10.63 -9.66
C ASN A 211 6.45 9.53 -10.72
N TYR A 212 5.48 8.63 -10.72
CA TYR A 212 5.52 7.42 -11.54
C TYR A 212 4.41 7.36 -12.57
N VAL A 213 3.62 8.42 -12.73
CA VAL A 213 2.44 8.33 -13.60
C VAL A 213 2.86 8.06 -15.04
N SER A 214 3.93 8.72 -15.50
CA SER A 214 4.44 8.43 -16.84
C SER A 214 4.92 6.99 -16.95
N TRP A 215 5.66 6.50 -15.96
CA TRP A 215 6.14 5.11 -16.02
C TRP A 215 4.98 4.14 -15.97
N ILE A 216 3.96 4.42 -15.16
CA ILE A 216 2.78 3.56 -15.11
C ILE A 216 2.11 3.50 -16.47
N LYS A 217 1.87 4.66 -17.08
CA LYS A 217 1.17 4.70 -18.36
C LYS A 217 1.97 3.98 -19.44
N GLN A 218 3.29 4.19 -19.48
CA GLN A 218 4.10 3.49 -20.48
C GLN A 218 4.08 1.99 -20.25
N THR A 219 4.14 1.56 -18.98
CA THR A 219 4.16 0.14 -18.68
C THR A 219 2.85 -0.52 -19.08
N ILE A 220 1.72 0.15 -18.83
CA ILE A 220 0.43 -0.37 -19.27
C ILE A 220 0.38 -0.45 -20.79
N ALA A 221 0.98 0.53 -21.46
CA ALA A 221 0.98 0.53 -22.92
C ALA A 221 1.86 -0.58 -23.49
N SER A 222 2.92 -0.95 -22.76
CA SER A 222 3.89 -1.90 -23.27
C SER A 222 3.68 -3.30 -22.72
N ASN A 223 2.53 -3.57 -22.13
CA ASN A 223 2.23 -4.90 -21.63
C ASN A 223 0.74 -5.17 -21.71
N GLY B 1 17.14 -0.11 11.43
CA GLY B 1 15.82 0.26 11.88
C GLY B 1 14.75 0.47 10.85
N ARG B 2 15.06 0.21 9.58
CA ARG B 2 14.09 0.32 8.51
C ARG B 2 13.47 -1.04 8.24
N GLY B 3 12.14 -1.08 8.21
CA GLY B 3 11.44 -2.36 8.06
C GLY B 3 10.28 -2.21 7.09
N THR B 4 10.25 -3.05 6.06
CA THR B 4 9.08 -3.07 5.20
C THR B 4 7.86 -3.61 5.94
N LYS B 5 6.71 -3.39 5.33
CA LYS B 5 5.44 -3.77 5.96
C LYS B 5 4.73 -4.92 5.25
N SER B 6 5.52 -5.84 4.70
CA SER B 6 5.03 -7.10 4.13
C SER B 6 4.99 -8.21 5.17
N ILE B 7 4.33 -9.29 4.82
CA ILE B 7 4.37 -10.53 5.59
C ILE B 7 5.19 -11.53 4.81
N PRO B 8 6.35 -11.99 5.32
CA PRO B 8 7.05 -11.41 6.48
C PRO B 8 7.72 -10.09 6.10
N PRO B 9 8.10 -9.31 7.11
CA PRO B 9 8.84 -8.08 6.84
C PRO B 9 10.32 -8.33 6.65
N ILE B 10 10.92 -7.45 5.89
CA ILE B 10 12.38 -7.33 5.80
C ILE B 10 12.74 -6.12 6.64
N ALA B 11 13.54 -6.30 7.68
CA ALA B 11 13.89 -5.19 8.56
C ALA B 11 15.39 -5.21 8.80
N PHE B 12 16.03 -4.09 8.56
CA PHE B 12 17.47 -3.99 8.56
C PHE B 12 17.99 -3.53 9.92
N PRO B 13 19.27 -3.73 10.20
CA PRO B 13 19.80 -3.26 11.48
C PRO B 13 19.76 -1.74 11.65
N ASP B 14 19.60 -0.98 10.57
CA ASP B 14 19.55 0.48 10.65
C ASP B 14 18.14 0.94 11.09
CA CA C . -13.76 -12.83 1.68
N WMH D . 12.03 -2.90 10.34
C WMH D . 10.96 -2.94 9.36
C1 WMH D . 13.01 -3.88 10.59
C2 WMH D . 13.84 -3.43 11.60
N1 WMH D . 13.40 -2.20 11.96
N2 WMH D . 12.30 -1.86 11.20
H1 WMH D . 10.22 -2.44 9.67
H2 WMH D . 10.71 -3.85 9.22
H5 WMH D . 14.56 -3.90 11.96
#